data_6MIA
#
_entry.id   6MIA
#
_cell.length_a   45.340
_cell.length_b   107.185
_cell.length_c   47.881
_cell.angle_alpha   90.000
_cell.angle_beta   101.330
_cell.angle_gamma   90.000
#
_symmetry.space_group_name_H-M   'P 1 21 1'
#
loop_
_entity.id
_entity.type
_entity.pdbx_description
1 polymer Beta-lactamase
2 non-polymer 3-(1H-tetrazol-5-ylmethyl)-5,6,7,8-tetrahydro[1]benzothieno[2,3-d]pyrimidin-4(3H)-one
3 water water
#
_entity_poly.entity_id   1
_entity_poly.type   'polypeptide(L)'
_entity_poly.pdbx_seq_one_letter_code
;ETSAVQQKLAALEKSSGGRLGVALIDTADNTQVLYRGDERFPMCSTSKVMAAAAVLKQSETQKQLLNQPVEIKPADLVNY
NPIAEKHVNGTMTLAELSAAALQYSDNTAMNKLIAQLGGPGGVTAFARAIGDETFRLDRTEPTLNTAIPGDPRDTTTPRA
MAQTLRQLTLGHALGETQRAQLVTWLKGNTTGAASIRAGLPTSWTVGDKTGSGDYGTTNDIAVIWPQGRAPLVLVTYFTQ
PQQNAESRRDVLASAARIIAEGL
;
_entity_poly.pdbx_strand_id   A,B
#
loop_
_chem_comp.id
_chem_comp.type
_chem_comp.name
_chem_comp.formula
1CE non-polymer 3-(1H-tetrazol-5-ylmethyl)-5,6,7,8-tetrahydro[1]benzothieno[2,3-d]pyrimidin-4(3H)-one 'C12 H12 N6 O S'
#
# COMPACT_ATOMS: atom_id res chain seq x y z
N THR A 2 24.80 -6.87 24.26
CA THR A 2 23.42 -6.45 24.07
C THR A 2 23.31 -4.93 24.05
N SER A 3 22.75 -4.40 22.97
CA SER A 3 22.59 -2.97 22.80
C SER A 3 21.24 -2.50 23.36
N ALA A 4 21.12 -1.18 23.51
CA ALA A 4 19.85 -0.60 23.94
C ALA A 4 18.73 -0.98 22.98
N VAL A 5 19.01 -0.94 21.68
CA VAL A 5 18.01 -1.34 20.69
C VAL A 5 17.62 -2.81 20.89
N GLN A 6 18.59 -3.67 21.18
CA GLN A 6 18.25 -5.07 21.36
C GLN A 6 17.41 -5.30 22.61
N GLN A 7 17.66 -4.51 23.67
CA GLN A 7 16.84 -4.63 24.87
C GLN A 7 15.41 -4.14 24.63
N LYS A 8 15.25 -3.07 23.85
CA LYS A 8 13.91 -2.62 23.50
C LYS A 8 13.18 -3.65 22.64
N LEU A 9 13.87 -4.26 21.69
CA LEU A 9 13.24 -5.32 20.88
C LEU A 9 12.85 -6.50 21.75
N ALA A 10 13.67 -6.84 22.74
CA ALA A 10 13.33 -7.93 23.65
C ALA A 10 12.08 -7.58 24.46
N ALA A 11 11.96 -6.33 24.91
CA ALA A 11 10.76 -5.92 25.65
C ALA A 11 9.52 -5.98 24.77
N LEU A 12 9.64 -5.49 23.52
CA LEU A 12 8.54 -5.61 22.59
C LEU A 12 8.14 -7.07 22.41
N GLU A 13 9.12 -7.94 22.19
CA GLU A 13 8.82 -9.35 21.99
C GLU A 13 8.13 -9.95 23.21
N LYS A 14 8.61 -9.62 24.41
CA LYS A 14 8.00 -10.18 25.61
C LYS A 14 6.54 -9.80 25.71
N SER A 15 6.21 -8.53 25.45
CA SER A 15 4.84 -8.07 25.52
C SER A 15 3.97 -8.66 24.42
N SER A 16 4.56 -9.07 23.30
CA SER A 16 3.81 -9.56 22.15
C SER A 16 3.35 -11.01 22.33
N GLY A 17 4.02 -11.79 23.16
CA GLY A 17 3.71 -13.20 23.32
C GLY A 17 4.32 -14.10 22.27
N GLY A 18 4.92 -13.55 21.21
CA GLY A 18 5.45 -14.33 20.13
C GLY A 18 6.97 -14.31 20.07
N ARG A 19 7.49 -14.63 18.89
CA ARG A 19 8.93 -14.67 18.63
C ARG A 19 9.22 -13.72 17.47
N LEU A 20 10.13 -12.78 17.72
CA LEU A 20 10.44 -11.69 16.81
C LEU A 20 11.87 -11.84 16.29
N GLY A 21 12.05 -11.65 14.99
CA GLY A 21 13.37 -11.64 14.38
C GLY A 21 13.58 -10.40 13.55
N VAL A 22 14.72 -9.73 13.74
CA VAL A 22 14.99 -8.45 13.08
C VAL A 22 16.42 -8.48 12.53
N ALA A 23 16.58 -7.96 11.32
CA ALA A 23 17.91 -7.69 10.79
C ALA A 23 17.88 -6.38 10.03
N LEU A 24 18.76 -5.45 10.42
CA LEU A 24 18.97 -4.19 9.75
C LEU A 24 20.37 -4.18 9.15
N ILE A 25 20.48 -3.70 7.91
CA ILE A 25 21.77 -3.30 7.35
C ILE A 25 21.67 -1.82 7.03
N ASP A 26 22.59 -1.04 7.58
CA ASP A 26 22.70 0.38 7.27
C ASP A 26 23.78 0.50 6.21
N THR A 27 23.39 0.82 4.97
CA THR A 27 24.41 0.91 3.93
C THR A 27 25.27 2.17 4.02
N ALA A 28 25.03 3.06 4.97
CA ALA A 28 25.94 4.19 5.16
C ALA A 28 27.30 3.73 5.66
N ASP A 29 27.34 2.65 6.45
CA ASP A 29 28.59 2.14 6.99
C ASP A 29 28.68 0.62 6.99
N ASN A 30 27.68 -0.06 6.44
CA ASN A 30 27.59 -1.52 6.36
C ASN A 30 27.41 -2.19 7.71
N THR A 31 27.04 -1.43 8.74
CA THR A 31 26.81 -2.03 10.04
C THR A 31 25.43 -2.67 10.11
N GLN A 32 25.24 -3.50 11.11
CA GLN A 32 24.07 -4.34 11.23
C GLN A 32 23.52 -4.29 12.64
N VAL A 33 22.21 -4.45 12.76
CA VAL A 33 21.55 -4.70 14.03
C VAL A 33 20.72 -5.96 13.86
N LEU A 34 20.91 -6.92 14.77
CA LEU A 34 20.25 -8.21 14.67
C LEU A 34 19.53 -8.50 15.97
N TYR A 35 18.35 -9.11 15.85
CA TYR A 35 17.64 -9.67 17.00
C TYR A 35 17.12 -11.03 16.55
N ARG A 36 17.58 -12.09 17.21
CA ARG A 36 17.33 -13.46 16.73
C ARG A 36 17.70 -13.60 15.26
N GLY A 37 18.81 -12.97 14.88
CA GLY A 37 19.17 -12.84 13.47
C GLY A 37 19.52 -14.15 12.79
N ASP A 38 19.89 -15.18 13.56
CA ASP A 38 20.23 -16.48 13.01
C ASP A 38 19.21 -17.55 13.35
N GLU A 39 18.03 -17.17 13.86
CA GLU A 39 16.95 -18.13 14.04
C GLU A 39 16.11 -18.19 12.78
N ARG A 40 15.52 -19.36 12.54
CA ARG A 40 14.69 -19.56 11.35
C ARG A 40 13.25 -19.13 11.60
N PHE A 41 12.64 -18.54 10.58
CA PHE A 41 11.25 -18.11 10.61
C PHE A 41 10.60 -18.52 9.30
N PRO A 42 9.30 -18.84 9.32
CA PRO A 42 8.59 -19.09 8.06
C PRO A 42 8.51 -17.80 7.25
N MET A 43 8.85 -17.90 5.96
CA MET A 43 8.88 -16.71 5.10
C MET A 43 7.50 -16.25 4.67
N CYS A 44 6.56 -17.18 4.48
CA CYS A 44 5.28 -16.86 3.87
C CYS A 44 5.52 -16.07 2.59
N SER A 45 4.71 -15.05 2.30
CA SER A 45 4.80 -14.39 1.01
C SER A 45 6.05 -13.55 0.82
N THR A 46 6.91 -13.38 1.85
CA THR A 46 8.17 -12.71 1.58
C THR A 46 9.05 -13.50 0.62
N SER A 47 8.80 -14.81 0.47
CA SER A 47 9.53 -15.61 -0.50
C SER A 47 9.23 -15.21 -1.95
N LYS A 48 8.16 -14.44 -2.19
CA LYS A 48 7.86 -13.99 -3.55
C LYS A 48 8.98 -13.11 -4.11
N VAL A 49 9.72 -12.41 -3.25
CA VAL A 49 10.84 -11.60 -3.75
C VAL A 49 11.89 -12.48 -4.41
N MET A 50 12.24 -13.60 -3.78
CA MET A 50 13.26 -14.47 -4.35
C MET A 50 12.80 -15.07 -5.67
N ALA A 51 11.53 -15.45 -5.76
CA ALA A 51 11.03 -16.05 -7.00
C ALA A 51 10.98 -15.03 -8.14
N ALA A 52 10.47 -13.82 -7.86
CA ALA A 52 10.46 -12.79 -8.89
C ALA A 52 11.87 -12.44 -9.32
N ALA A 53 12.80 -12.34 -8.38
CA ALA A 53 14.19 -12.05 -8.71
C ALA A 53 14.82 -13.15 -9.57
N ALA A 54 14.49 -14.41 -9.28
CA ALA A 54 15.04 -15.50 -10.07
C ALA A 54 14.57 -15.43 -11.52
N VAL A 55 13.31 -15.08 -11.73
CA VAL A 55 12.80 -14.89 -13.09
C VAL A 55 13.47 -13.69 -13.75
N LEU A 56 13.66 -12.59 -13.00
CA LEU A 56 14.40 -11.46 -13.55
C LEU A 56 15.81 -11.87 -13.99
N LYS A 57 16.47 -12.72 -13.19
CA LYS A 57 17.80 -13.20 -13.60
C LYS A 57 17.73 -13.97 -14.91
N GLN A 58 16.74 -14.85 -15.06
CA GLN A 58 16.57 -15.58 -16.31
C GLN A 58 16.36 -14.61 -17.47
N SER A 59 15.62 -13.51 -17.22
CA SER A 59 15.33 -12.57 -18.30
C SER A 59 16.57 -11.82 -18.78
N GLU A 60 17.67 -11.85 -18.03
CA GLU A 60 18.89 -11.18 -18.49
C GLU A 60 19.43 -11.80 -19.77
N THR A 61 19.20 -13.09 -19.98
CA THR A 61 19.64 -13.76 -21.20
C THR A 61 18.49 -14.04 -22.16
N GLN A 62 17.27 -13.61 -21.83
CA GLN A 62 16.10 -13.80 -22.69
C GLN A 62 15.29 -12.50 -22.68
N LYS A 63 15.54 -11.64 -23.67
CA LYS A 63 14.94 -10.30 -23.69
C LYS A 63 13.43 -10.35 -23.74
N GLN A 64 12.83 -11.43 -24.24
CA GLN A 64 11.38 -11.52 -24.36
C GLN A 64 10.73 -12.35 -23.26
N LEU A 65 11.50 -12.83 -22.28
CA LEU A 65 10.93 -13.71 -21.27
C LEU A 65 9.79 -13.06 -20.51
N LEU A 66 9.97 -11.81 -20.08
CA LEU A 66 8.93 -11.16 -19.29
C LEU A 66 7.64 -10.94 -20.08
N ASN A 67 7.70 -11.00 -21.41
CA ASN A 67 6.51 -10.89 -22.23
C ASN A 67 5.88 -12.24 -22.55
N GLN A 68 6.46 -13.34 -22.07
CA GLN A 68 5.93 -14.66 -22.40
C GLN A 68 4.59 -14.89 -21.71
N PRO A 69 3.56 -15.32 -22.43
CA PRO A 69 2.28 -15.60 -21.79
C PRO A 69 2.28 -16.95 -21.09
N VAL A 70 1.56 -17.00 -19.97
CA VAL A 70 1.39 -18.21 -19.17
C VAL A 70 -0.10 -18.42 -18.98
N GLU A 71 -0.59 -19.62 -19.31
CA GLU A 71 -2.01 -19.91 -19.20
C GLU A 71 -2.44 -20.01 -17.73
N ILE A 72 -3.60 -19.41 -17.43
CA ILE A 72 -4.23 -19.51 -16.13
C ILE A 72 -5.51 -20.32 -16.30
N LYS A 73 -5.58 -21.47 -15.63
CA LYS A 73 -6.74 -22.33 -15.71
C LYS A 73 -7.53 -22.28 -14.40
N PRO A 74 -8.82 -22.61 -14.44
CA PRO A 74 -9.60 -22.63 -13.18
C PRO A 74 -8.96 -23.43 -12.07
N ALA A 75 -8.35 -24.58 -12.40
CA ALA A 75 -7.71 -25.42 -11.40
C ALA A 75 -6.45 -24.80 -10.81
N ASP A 76 -5.91 -23.75 -11.42
CA ASP A 76 -4.70 -23.10 -10.90
C ASP A 76 -5.00 -22.18 -9.72
N LEU A 77 -6.25 -21.77 -9.54
CA LEU A 77 -6.57 -20.83 -8.47
C LEU A 77 -6.36 -21.50 -7.12
N VAL A 78 -5.75 -20.76 -6.20
CA VAL A 78 -5.53 -21.28 -4.85
C VAL A 78 -6.29 -20.40 -3.86
N ASN A 79 -5.66 -20.02 -2.75
CA ASN A 79 -6.39 -19.43 -1.63
C ASN A 79 -6.48 -17.90 -1.69
N TYR A 80 -5.68 -17.24 -2.52
CA TYR A 80 -5.68 -15.79 -2.58
C TYR A 80 -5.16 -15.40 -3.96
N ASN A 81 -6.06 -14.97 -4.85
CA ASN A 81 -5.74 -14.81 -6.27
C ASN A 81 -6.38 -13.54 -6.80
N PRO A 82 -6.11 -12.38 -6.18
CA PRO A 82 -6.82 -11.14 -6.56
C PRO A 82 -6.64 -10.72 -8.01
N ILE A 83 -5.50 -11.03 -8.63
CA ILE A 83 -5.26 -10.67 -10.02
C ILE A 83 -5.49 -11.85 -10.94
N ALA A 84 -4.98 -13.03 -10.57
CA ALA A 84 -5.08 -14.18 -11.46
C ALA A 84 -6.53 -14.58 -11.74
N GLU A 85 -7.45 -14.34 -10.80
CA GLU A 85 -8.82 -14.76 -11.08
C GLU A 85 -9.43 -13.99 -12.24
N LYS A 86 -8.93 -12.79 -12.53
CA LYS A 86 -9.42 -12.04 -13.67
C LYS A 86 -8.97 -12.62 -15.00
N HIS A 87 -7.97 -13.51 -14.98
CA HIS A 87 -7.36 -14.04 -16.20
C HIS A 87 -7.60 -15.53 -16.37
N VAL A 88 -8.49 -16.13 -15.59
CA VAL A 88 -8.78 -17.55 -15.74
C VAL A 88 -9.30 -17.81 -17.15
N ASN A 89 -8.83 -18.90 -17.75
CA ASN A 89 -9.08 -19.24 -19.15
C ASN A 89 -8.42 -18.28 -20.12
N GLY A 90 -7.51 -17.45 -19.63
CA GLY A 90 -6.68 -16.58 -20.43
C GLY A 90 -5.22 -16.77 -20.03
N THR A 91 -4.45 -15.70 -20.20
CA THR A 91 -3.03 -15.75 -19.91
C THR A 91 -2.61 -14.51 -19.15
N MET A 92 -1.45 -14.61 -18.50
CA MET A 92 -0.74 -13.48 -17.93
C MET A 92 0.72 -13.61 -18.35
N THR A 93 1.38 -12.49 -18.64
CA THR A 93 2.80 -12.59 -18.94
C THR A 93 3.59 -12.78 -17.66
N LEU A 94 4.86 -13.19 -17.81
CA LEU A 94 5.71 -13.33 -16.63
C LEU A 94 5.92 -12.00 -15.91
N ALA A 95 5.95 -10.87 -16.65
CA ALA A 95 5.97 -9.57 -15.97
C ALA A 95 4.71 -9.35 -15.17
N GLU A 96 3.55 -9.67 -15.75
CA GLU A 96 2.29 -9.48 -15.03
C GLU A 96 2.22 -10.38 -13.81
N LEU A 97 2.72 -11.61 -13.94
CA LEU A 97 2.74 -12.50 -12.79
C LEU A 97 3.67 -12.00 -11.70
N SER A 98 4.83 -11.46 -12.09
CA SER A 98 5.76 -10.93 -11.10
C SER A 98 5.16 -9.74 -10.38
N ALA A 99 4.54 -8.82 -11.14
CA ALA A 99 3.91 -7.65 -10.52
C ALA A 99 2.77 -8.05 -9.60
N ALA A 100 1.94 -9.00 -10.03
CA ALA A 100 0.82 -9.44 -9.21
C ALA A 100 1.29 -10.13 -7.93
N ALA A 101 2.30 -10.99 -8.04
CA ALA A 101 2.86 -11.63 -6.86
C ALA A 101 3.42 -10.61 -5.88
N LEU A 102 4.20 -9.65 -6.38
CA LEU A 102 4.89 -8.75 -5.45
C LEU A 102 3.96 -7.68 -4.90
N GLN A 103 3.12 -7.09 -5.75
CA GLN A 103 2.38 -5.90 -5.33
C GLN A 103 1.02 -6.22 -4.75
N TYR A 104 0.45 -7.39 -5.06
CA TYR A 104 -0.83 -7.82 -4.53
C TYR A 104 -0.74 -9.12 -3.74
N SER A 105 0.43 -9.77 -3.72
CA SER A 105 0.61 -11.03 -3.02
C SER A 105 -0.25 -12.15 -3.61
N ASP A 106 -0.39 -12.13 -4.94
CA ASP A 106 -1.21 -13.13 -5.61
C ASP A 106 -0.51 -14.49 -5.57
N ASN A 107 -1.19 -15.48 -4.98
CA ASN A 107 -0.56 -16.78 -4.76
C ASN A 107 -0.56 -17.65 -6.01
N THR A 108 -1.56 -17.50 -6.88
CA THR A 108 -1.51 -18.19 -8.16
C THR A 108 -0.34 -17.68 -8.98
N ALA A 109 -0.13 -16.36 -8.97
CA ALA A 109 1.00 -15.78 -9.66
C ALA A 109 2.32 -16.35 -9.14
N MET A 110 2.46 -16.43 -7.80
CA MET A 110 3.66 -17.05 -7.25
C MET A 110 3.84 -18.47 -7.78
N ASN A 111 2.78 -19.27 -7.83
CA ASN A 111 2.92 -20.64 -8.31
C ASN A 111 3.39 -20.68 -9.76
N LYS A 112 2.97 -19.72 -10.58
CA LYS A 112 3.47 -19.67 -11.95
C LYS A 112 4.95 -19.30 -11.99
N LEU A 113 5.40 -18.40 -11.10
CA LEU A 113 6.82 -18.09 -11.04
C LEU A 113 7.62 -19.32 -10.62
N ILE A 114 7.13 -20.03 -9.60
CA ILE A 114 7.79 -21.26 -9.15
C ILE A 114 7.88 -22.27 -10.29
N ALA A 115 6.78 -22.44 -11.04
CA ALA A 115 6.78 -23.40 -12.14
C ALA A 115 7.75 -22.98 -13.24
N GLN A 116 7.84 -21.69 -13.52
CA GLN A 116 8.79 -21.21 -14.52
C GLN A 116 10.22 -21.56 -14.13
N LEU A 117 10.49 -21.64 -12.83
CA LEU A 117 11.81 -21.98 -12.32
C LEU A 117 11.99 -23.47 -12.11
N GLY A 118 10.99 -24.29 -12.45
CA GLY A 118 11.08 -25.73 -12.37
C GLY A 118 10.59 -26.34 -11.07
N GLY A 119 10.10 -25.53 -10.14
CA GLY A 119 9.69 -26.02 -8.85
C GLY A 119 10.35 -25.25 -7.73
N PRO A 120 9.92 -25.51 -6.49
CA PRO A 120 10.49 -24.78 -5.34
C PRO A 120 12.01 -24.81 -5.30
N GLY A 121 12.62 -25.94 -5.64
CA GLY A 121 14.07 -26.05 -5.63
C GLY A 121 14.77 -25.13 -6.62
N GLY A 122 14.07 -24.71 -7.68
CA GLY A 122 14.67 -23.73 -8.57
C GLY A 122 14.79 -22.36 -7.95
N VAL A 123 13.88 -22.03 -7.02
CA VAL A 123 14.02 -20.79 -6.26
C VAL A 123 15.19 -20.89 -5.30
N THR A 124 15.29 -22.01 -4.57
CA THR A 124 16.43 -22.24 -3.68
C THR A 124 17.74 -22.19 -4.45
N ALA A 125 17.78 -22.77 -5.65
CA ALA A 125 19.00 -22.77 -6.43
C ALA A 125 19.44 -21.36 -6.78
N PHE A 126 18.47 -20.49 -7.12
CA PHE A 126 18.84 -19.11 -7.40
C PHE A 126 19.40 -18.44 -6.14
N ALA A 127 18.77 -18.68 -5.00
CA ALA A 127 19.30 -18.15 -3.73
C ALA A 127 20.76 -18.54 -3.53
N ARG A 128 21.07 -19.83 -3.72
CA ARG A 128 22.45 -20.27 -3.57
C ARG A 128 23.37 -19.57 -4.56
N ALA A 129 22.89 -19.36 -5.78
CA ALA A 129 23.73 -18.74 -6.82
C ALA A 129 24.09 -17.30 -6.47
N ILE A 130 23.29 -16.62 -5.67
CA ILE A 130 23.57 -15.25 -5.27
C ILE A 130 24.13 -15.17 -3.85
N GLY A 131 24.59 -16.30 -3.30
CA GLY A 131 25.33 -16.31 -2.05
C GLY A 131 24.51 -16.52 -0.80
N ASP A 132 23.23 -16.87 -0.93
CA ASP A 132 22.36 -17.13 0.21
C ASP A 132 22.34 -18.64 0.44
N GLU A 133 23.00 -19.07 1.51
CA GLU A 133 23.07 -20.48 1.88
C GLU A 133 21.98 -20.89 2.84
N THR A 134 21.07 -19.97 3.18
CA THR A 134 20.12 -20.17 4.26
C THR A 134 18.69 -20.35 3.78
N PHE A 135 18.26 -19.50 2.85
CA PHE A 135 16.94 -19.59 2.25
C PHE A 135 16.65 -21.01 1.76
N ARG A 136 15.43 -21.47 2.03
CA ARG A 136 14.96 -22.69 1.36
C ARG A 136 13.49 -22.56 1.04
N LEU A 137 13.13 -22.85 -0.20
CA LEU A 137 11.73 -22.99 -0.59
C LEU A 137 11.48 -24.46 -0.91
N ASP A 138 10.51 -25.03 -0.23
CA ASP A 138 10.24 -26.46 -0.31
C ASP A 138 8.89 -26.79 -0.90
N ARG A 139 7.93 -25.87 -0.84
CA ARG A 139 6.56 -26.13 -1.25
C ARG A 139 6.04 -24.98 -2.09
N THR A 140 4.92 -25.21 -2.77
CA THR A 140 4.19 -24.19 -3.50
C THR A 140 3.17 -23.52 -2.58
N GLU A 141 2.45 -22.53 -3.14
CA GLU A 141 1.29 -21.96 -2.46
C GLU A 141 0.11 -22.92 -2.58
N PRO A 142 -0.68 -23.09 -1.51
CA PRO A 142 -0.65 -22.34 -0.25
C PRO A 142 0.09 -23.05 0.89
N THR A 143 0.56 -24.27 0.66
CA THR A 143 1.08 -25.04 1.79
C THR A 143 2.39 -24.48 2.34
N LEU A 144 3.09 -23.64 1.59
CA LEU A 144 4.32 -23.03 2.13
C LEU A 144 4.05 -22.13 3.33
N ASN A 145 2.79 -21.83 3.65
CA ASN A 145 2.43 -20.94 4.74
C ASN A 145 2.04 -21.66 6.03
N THR A 146 2.23 -22.98 6.11
CA THR A 146 1.80 -23.69 7.32
C THR A 146 2.52 -23.19 8.57
N ALA A 147 3.78 -22.76 8.43
CA ALA A 147 4.47 -21.99 9.48
C ALA A 147 4.58 -22.75 10.80
N ILE A 148 4.72 -24.07 10.74
CA ILE A 148 4.70 -24.88 11.96
C ILE A 148 5.98 -24.62 12.75
N PRO A 149 5.90 -24.33 14.06
CA PRO A 149 7.13 -24.11 14.83
C PRO A 149 8.06 -25.31 14.72
N GLY A 150 9.34 -25.01 14.51
CA GLY A 150 10.36 -26.05 14.38
C GLY A 150 10.48 -26.68 13.01
N ASP A 151 9.56 -26.38 12.10
CA ASP A 151 9.61 -26.96 10.76
C ASP A 151 10.58 -26.14 9.93
N PRO A 152 11.64 -26.73 9.36
CA PRO A 152 12.58 -25.95 8.55
C PRO A 152 12.06 -25.60 7.16
N ARG A 153 10.97 -26.22 6.70
CA ARG A 153 10.55 -25.98 5.33
C ARG A 153 10.14 -24.52 5.14
N ASP A 154 10.55 -23.95 4.02
CA ASP A 154 10.06 -22.63 3.61
C ASP A 154 10.43 -21.56 4.63
N THR A 155 11.66 -21.64 5.14
CA THR A 155 12.16 -20.70 6.14
C THR A 155 13.43 -20.02 5.64
N THR A 156 13.77 -18.92 6.33
CA THR A 156 15.10 -18.34 6.27
C THR A 156 15.38 -17.67 7.62
N THR A 157 16.53 -17.00 7.71
CA THR A 157 16.84 -16.23 8.91
C THR A 157 16.79 -14.75 8.58
N PRO A 158 16.57 -13.89 9.59
CA PRO A 158 16.59 -12.44 9.30
C PRO A 158 17.91 -11.97 8.70
N ARG A 159 19.04 -12.47 9.22
CA ARG A 159 20.33 -12.05 8.69
C ARG A 159 20.45 -12.38 7.22
N ALA A 160 20.08 -13.61 6.85
CA ALA A 160 20.27 -14.03 5.46
C ALA A 160 19.35 -13.25 4.54
N MET A 161 18.10 -13.02 4.94
CA MET A 161 17.17 -12.33 4.06
CA MET A 161 17.18 -12.33 4.04
C MET A 161 17.55 -10.86 3.87
N ALA A 162 18.06 -10.23 4.93
CA ALA A 162 18.49 -8.84 4.79
C ALA A 162 19.67 -8.73 3.83
N GLN A 163 20.64 -9.63 3.96
CA GLN A 163 21.78 -9.62 3.04
C GLN A 163 21.32 -9.84 1.60
N THR A 164 20.43 -10.82 1.39
CA THR A 164 19.96 -11.10 0.05
C THR A 164 19.16 -9.93 -0.50
N LEU A 165 18.28 -9.34 0.29
CA LEU A 165 17.50 -8.22 -0.20
C LEU A 165 18.41 -7.06 -0.58
N ARG A 166 19.48 -6.84 0.20
CA ARG A 166 20.45 -5.81 -0.15
C ARG A 166 21.09 -6.11 -1.50
N GLN A 167 21.56 -7.35 -1.69
CA GLN A 167 22.24 -7.68 -2.95
C GLN A 167 21.31 -7.55 -4.15
N LEU A 168 20.02 -7.87 -3.96
CA LEU A 168 19.06 -7.85 -5.07
C LEU A 168 18.67 -6.43 -5.44
N THR A 169 18.54 -5.53 -4.45
CA THR A 169 17.95 -4.22 -4.69
C THR A 169 18.96 -3.10 -4.75
N LEU A 170 20.08 -3.23 -4.04
CA LEU A 170 21.11 -2.19 -4.03
C LEU A 170 22.44 -2.67 -4.55
N GLY A 171 22.70 -3.96 -4.53
CA GLY A 171 23.92 -4.55 -5.04
C GLY A 171 23.77 -5.03 -6.46
N HIS A 172 24.57 -6.03 -6.82
CA HIS A 172 24.71 -6.46 -8.21
C HIS A 172 24.35 -7.91 -8.43
N ALA A 173 23.46 -8.46 -7.60
CA ALA A 173 22.97 -9.81 -7.85
C ALA A 173 22.18 -9.88 -9.16
N LEU A 174 21.54 -8.79 -9.55
CA LEU A 174 20.83 -8.69 -10.82
C LEU A 174 21.51 -7.63 -11.69
N GLY A 175 21.27 -7.73 -12.99
CA GLY A 175 21.67 -6.66 -13.90
C GLY A 175 20.95 -5.37 -13.57
N GLU A 176 21.49 -4.26 -14.08
CA GLU A 176 21.03 -2.94 -13.68
C GLU A 176 19.54 -2.73 -13.99
N THR A 177 19.10 -3.08 -15.20
CA THR A 177 17.69 -2.86 -15.51
C THR A 177 16.80 -3.78 -14.69
N GLN A 178 17.26 -5.00 -14.40
CA GLN A 178 16.47 -5.92 -13.60
C GLN A 178 16.37 -5.45 -12.15
N ARG A 179 17.47 -4.97 -11.60
CA ARG A 179 17.45 -4.41 -10.24
C ARG A 179 16.49 -3.24 -10.17
N ALA A 180 16.52 -2.35 -11.16
CA ALA A 180 15.60 -1.22 -11.19
C ALA A 180 14.16 -1.70 -11.26
N GLN A 181 13.89 -2.74 -12.06
CA GLN A 181 12.54 -3.28 -12.15
C GLN A 181 12.09 -3.86 -10.82
N LEU A 182 12.96 -4.59 -10.13
CA LEU A 182 12.58 -5.13 -8.83
C LEU A 182 12.27 -4.00 -7.84
N VAL A 183 13.10 -2.96 -7.82
CA VAL A 183 12.88 -1.84 -6.92
C VAL A 183 11.55 -1.14 -7.25
N THR A 184 11.29 -0.91 -8.54
CA THR A 184 10.01 -0.32 -8.94
C THR A 184 8.84 -1.15 -8.43
N TRP A 185 8.92 -2.47 -8.58
CA TRP A 185 7.83 -3.33 -8.11
C TRP A 185 7.65 -3.22 -6.59
N LEU A 186 8.74 -3.30 -5.84
CA LEU A 186 8.65 -3.21 -4.39
C LEU A 186 8.08 -1.87 -3.94
N LYS A 187 8.52 -0.78 -4.58
CA LYS A 187 8.04 0.54 -4.20
C LYS A 187 6.55 0.69 -4.47
N GLY A 188 6.01 -0.06 -5.43
CA GLY A 188 4.59 -0.04 -5.73
C GLY A 188 3.75 -1.05 -4.98
N ASN A 189 4.30 -1.70 -3.95
CA ASN A 189 3.51 -2.64 -3.16
C ASN A 189 2.27 -1.96 -2.62
N THR A 190 1.15 -2.70 -2.62
CA THR A 190 -0.10 -2.19 -2.05
C THR A 190 -0.35 -2.61 -0.61
N THR A 191 0.41 -3.58 -0.07
CA THR A 191 0.03 -4.27 1.15
C THR A 191 0.81 -3.83 2.39
N GLY A 192 1.68 -2.83 2.31
CA GLY A 192 2.67 -2.62 3.34
C GLY A 192 2.47 -1.49 4.33
N ALA A 193 1.41 -0.68 4.21
CA ALA A 193 1.35 0.54 5.02
C ALA A 193 1.18 0.30 6.51
N ALA A 194 0.76 -0.90 6.93
CA ALA A 194 0.57 -1.20 8.34
C ALA A 194 1.77 -1.87 8.98
N SER A 195 2.82 -2.15 8.23
CA SER A 195 3.92 -2.99 8.68
C SER A 195 5.15 -2.14 8.92
N ILE A 196 6.32 -2.44 8.34
CA ILE A 196 7.52 -1.65 8.62
C ILE A 196 7.27 -0.17 8.39
N ARG A 197 6.59 0.17 7.28
N ARG A 197 6.58 0.16 7.29
CA ARG A 197 6.36 1.58 6.93
CA ARG A 197 6.32 1.54 6.90
C ARG A 197 5.65 2.34 8.04
C ARG A 197 5.63 2.33 8.01
N ALA A 198 4.76 1.67 8.78
CA ALA A 198 4.01 2.35 9.83
C ALA A 198 4.89 2.77 10.99
N GLY A 199 6.08 2.20 11.13
CA GLY A 199 6.99 2.58 12.19
C GLY A 199 8.07 3.56 11.80
N LEU A 200 8.09 4.04 10.55
CA LEU A 200 9.16 4.88 10.05
C LEU A 200 8.67 6.30 9.78
N PRO A 201 9.56 7.29 9.81
CA PRO A 201 9.15 8.66 9.48
C PRO A 201 8.48 8.70 8.12
N THR A 202 7.40 9.49 8.03
CA THR A 202 6.56 9.49 6.84
C THR A 202 7.32 9.95 5.60
N SER A 203 8.34 10.79 5.78
CA SER A 203 9.09 11.32 4.64
C SER A 203 9.99 10.29 3.98
N TRP A 204 10.25 9.17 4.64
CA TRP A 204 11.12 8.15 4.06
C TRP A 204 10.36 7.36 3.00
N THR A 205 11.11 6.88 2.00
CA THR A 205 10.53 6.07 0.94
C THR A 205 10.82 4.60 1.19
N VAL A 206 9.82 3.75 1.02
CA VAL A 206 9.91 2.33 1.32
C VAL A 206 9.46 1.50 0.13
N GLY A 207 10.19 0.43 -0.15
CA GLY A 207 9.69 -0.68 -0.95
C GLY A 207 9.74 -1.92 -0.11
N ASP A 208 8.67 -2.73 -0.14
CA ASP A 208 8.61 -3.85 0.79
C ASP A 208 7.77 -4.98 0.23
N LYS A 209 7.92 -6.15 0.84
CA LYS A 209 7.04 -7.28 0.62
C LYS A 209 6.64 -7.87 1.96
N THR A 210 5.33 -7.95 2.21
CA THR A 210 4.76 -8.50 3.43
C THR A 210 4.60 -10.02 3.32
N GLY A 211 4.35 -10.64 4.46
CA GLY A 211 3.98 -12.04 4.48
C GLY A 211 3.05 -12.31 5.65
N SER A 212 2.14 -13.25 5.47
CA SER A 212 1.16 -13.64 6.49
C SER A 212 0.91 -15.13 6.37
N GLY A 213 0.80 -15.81 7.50
CA GLY A 213 0.51 -17.23 7.43
C GLY A 213 -0.05 -17.75 8.73
N ASP A 214 -0.07 -19.07 8.85
CA ASP A 214 -0.56 -19.70 10.06
C ASP A 214 0.38 -19.36 11.23
N TYR A 215 -0.04 -19.73 12.43
CA TYR A 215 0.68 -19.37 13.66
C TYR A 215 0.83 -17.86 13.78
N GLY A 216 -0.15 -17.12 13.27
CA GLY A 216 -0.10 -15.67 13.33
C GLY A 216 1.17 -15.09 12.74
N THR A 217 1.75 -15.79 11.76
CA THR A 217 3.03 -15.35 11.23
C THR A 217 2.82 -14.07 10.43
N THR A 218 3.62 -13.05 10.75
CA THR A 218 3.44 -11.71 10.21
C THR A 218 4.83 -11.16 9.93
N ASN A 219 5.12 -10.91 8.65
CA ASN A 219 6.47 -10.63 8.20
C ASN A 219 6.47 -9.41 7.29
N ASP A 220 7.64 -8.78 7.19
CA ASP A 220 7.85 -7.72 6.20
C ASP A 220 9.34 -7.62 5.93
N ILE A 221 9.70 -7.46 4.66
CA ILE A 221 11.09 -7.21 4.27
C ILE A 221 11.12 -5.95 3.41
N ALA A 222 12.02 -5.02 3.74
CA ALA A 222 11.94 -3.69 3.16
C ALA A 222 13.31 -3.13 2.81
N VAL A 223 13.33 -2.33 1.74
N VAL A 223 13.34 -2.35 1.72
CA VAL A 223 14.44 -1.43 1.44
CA VAL A 223 14.42 -1.43 1.44
C VAL A 223 13.94 -0.01 1.62
C VAL A 223 13.88 -0.04 1.72
N ILE A 224 14.71 0.78 2.38
CA ILE A 224 14.26 2.07 2.90
C ILE A 224 15.22 3.14 2.44
N TRP A 225 14.69 4.23 1.89
CA TRP A 225 15.48 5.40 1.52
C TRP A 225 15.11 6.53 2.47
N PRO A 226 15.82 6.68 3.59
CA PRO A 226 15.48 7.74 4.54
C PRO A 226 15.83 9.10 3.97
N GLN A 227 15.27 10.14 4.57
CA GLN A 227 15.66 11.49 4.23
C GLN A 227 17.08 11.76 4.70
N GLY A 228 17.94 12.13 3.76
CA GLY A 228 19.25 12.64 4.10
C GLY A 228 20.31 11.62 4.47
N ARG A 229 20.13 10.35 4.15
CA ARG A 229 21.16 9.36 4.44
C ARG A 229 21.00 8.16 3.51
N ALA A 230 22.04 7.32 3.51
CA ALA A 230 22.10 6.16 2.63
C ALA A 230 20.99 5.17 2.95
N PRO A 231 20.61 4.32 2.00
CA PRO A 231 19.49 3.41 2.23
C PRO A 231 19.78 2.36 3.28
N LEU A 232 18.68 1.84 3.84
CA LEU A 232 18.69 0.77 4.82
C LEU A 232 17.97 -0.43 4.24
N VAL A 233 18.33 -1.61 4.73
CA VAL A 233 17.56 -2.83 4.49
C VAL A 233 17.09 -3.34 5.85
N LEU A 234 15.81 -3.63 5.97
CA LEU A 234 15.25 -4.07 7.24
C LEU A 234 14.31 -5.23 7.02
N VAL A 235 14.53 -6.31 7.78
N VAL A 235 14.51 -6.32 7.77
CA VAL A 235 13.66 -7.49 7.80
CA VAL A 235 13.59 -7.44 7.74
C VAL A 235 13.06 -7.61 9.19
C VAL A 235 13.06 -7.66 9.16
N THR A 236 11.75 -7.85 9.26
CA THR A 236 11.08 -8.08 10.53
C THR A 236 10.19 -9.31 10.36
N TYR A 237 10.47 -10.36 11.10
CA TYR A 237 9.72 -11.61 11.07
C TYR A 237 9.09 -11.84 12.44
N PHE A 238 7.87 -12.36 12.46
CA PHE A 238 7.17 -12.57 13.72
C PHE A 238 6.28 -13.79 13.61
N THR A 239 6.34 -14.66 14.60
CA THR A 239 5.52 -15.87 14.61
C THR A 239 5.12 -16.21 16.04
N GLN A 240 4.01 -16.92 16.19
CA GLN A 240 3.34 -17.06 17.47
C GLN A 240 3.08 -18.52 17.80
N PRO A 241 2.79 -18.85 19.07
CA PRO A 241 2.79 -20.25 19.49
C PRO A 241 1.61 -21.07 19.02
N GLN A 242 0.45 -20.47 18.73
CA GLN A 242 -0.75 -21.22 18.42
C GLN A 242 -1.15 -21.05 16.95
N GLN A 243 -1.66 -22.13 16.37
CA GLN A 243 -1.89 -22.16 14.92
CA GLN A 243 -1.89 -22.16 14.92
C GLN A 243 -2.82 -21.05 14.45
N ASN A 244 -3.83 -20.72 15.26
CA ASN A 244 -4.83 -19.75 14.85
C ASN A 244 -4.59 -18.35 15.41
N ALA A 245 -3.35 -18.03 15.80
CA ALA A 245 -3.06 -16.71 16.34
C ALA A 245 -3.39 -15.62 15.32
N GLU A 246 -3.75 -14.45 15.85
CA GLU A 246 -4.12 -13.31 15.02
C GLU A 246 -2.89 -12.67 14.38
N SER A 247 -3.12 -11.99 13.25
CA SER A 247 -2.08 -11.21 12.60
C SER A 247 -1.65 -10.04 13.49
N ARG A 248 -0.35 -9.71 13.46
CA ARG A 248 0.20 -8.66 14.33
C ARG A 248 1.14 -7.72 13.55
N ARG A 249 0.61 -7.04 12.54
CA ARG A 249 1.43 -6.09 11.79
C ARG A 249 1.94 -4.96 12.67
N ASP A 250 1.19 -4.63 13.73
CA ASP A 250 1.60 -3.58 14.65
C ASP A 250 2.93 -3.91 15.33
N VAL A 251 3.21 -5.20 15.55
CA VAL A 251 4.50 -5.59 16.14
C VAL A 251 5.64 -5.25 15.19
N LEU A 252 5.43 -5.43 13.89
CA LEU A 252 6.47 -5.09 12.92
C LEU A 252 6.68 -3.58 12.87
N ALA A 253 5.58 -2.82 12.89
CA ALA A 253 5.70 -1.37 12.97
C ALA A 253 6.47 -0.95 14.20
N SER A 254 6.19 -1.58 15.35
CA SER A 254 6.89 -1.26 16.59
C SER A 254 8.37 -1.58 16.50
N ALA A 255 8.72 -2.71 15.87
CA ALA A 255 10.12 -3.06 15.71
C ALA A 255 10.82 -2.05 14.81
N ALA A 256 10.19 -1.67 13.71
CA ALA A 256 10.75 -0.66 12.82
C ALA A 256 10.94 0.67 13.55
N ARG A 257 10.00 1.03 14.42
CA ARG A 257 10.14 2.31 15.12
C ARG A 257 11.31 2.26 16.10
N ILE A 258 11.50 1.15 16.79
CA ILE A 258 12.67 0.99 17.65
C ILE A 258 13.95 1.11 16.84
N ILE A 259 13.99 0.46 15.66
CA ILE A 259 15.16 0.56 14.80
C ILE A 259 15.42 2.01 14.40
N ALA A 260 14.37 2.72 13.98
CA ALA A 260 14.52 4.10 13.52
C ALA A 260 15.00 5.01 14.64
N GLU A 261 14.45 4.84 15.85
CA GLU A 261 14.88 5.65 16.99
C GLU A 261 16.33 5.40 17.37
N GLY A 262 16.87 4.22 17.04
CA GLY A 262 18.22 3.85 17.36
C GLY A 262 19.26 4.24 16.33
N LEU A 263 18.83 4.84 15.22
CA LEU A 263 19.76 5.29 14.19
C LEU A 263 20.48 6.56 14.63
N ALA B 4 -27.87 -0.37 16.01
CA ALA B 4 -26.74 -1.16 16.47
C ALA B 4 -25.43 -0.60 15.95
N VAL B 5 -25.34 -0.43 14.63
CA VAL B 5 -24.14 0.14 14.04
C VAL B 5 -23.93 1.56 14.50
N GLN B 6 -25.03 2.31 14.67
CA GLN B 6 -24.93 3.70 15.14
C GLN B 6 -24.28 3.78 16.51
N GLN B 7 -24.73 2.94 17.44
CA GLN B 7 -24.17 3.00 18.78
C GLN B 7 -22.72 2.56 18.80
N LYS B 8 -22.34 1.60 17.95
CA LYS B 8 -20.95 1.16 17.91
C LYS B 8 -20.05 2.26 17.37
N LEU B 9 -20.51 2.99 16.35
CA LEU B 9 -19.72 4.09 15.83
C LEU B 9 -19.59 5.21 16.85
N ALA B 10 -20.69 5.52 17.56
CA ALA B 10 -20.64 6.55 18.60
C ALA B 10 -19.66 6.16 19.71
N ALA B 11 -19.64 4.88 20.09
CA ALA B 11 -18.71 4.43 21.12
C ALA B 11 -17.28 4.48 20.64
N LEU B 12 -17.03 4.10 19.38
CA LEU B 12 -15.70 4.22 18.81
C LEU B 12 -15.23 5.67 18.83
N GLU B 13 -16.10 6.59 18.39
CA GLU B 13 -15.77 8.02 18.42
C GLU B 13 -15.46 8.50 19.83
N LYS B 14 -16.31 8.12 20.81
CA LYS B 14 -16.07 8.49 22.21
C LYS B 14 -14.68 8.05 22.66
N SER B 15 -14.35 6.78 22.39
CA SER B 15 -13.05 6.24 22.83
CA SER B 15 -13.05 6.23 22.82
C SER B 15 -11.88 6.97 22.18
N SER B 16 -12.06 7.43 20.94
CA SER B 16 -11.00 8.07 20.17
C SER B 16 -10.70 9.49 20.61
N GLY B 17 -11.65 10.16 21.26
CA GLY B 17 -11.49 11.56 21.62
C GLY B 17 -11.73 12.56 20.51
N GLY B 18 -11.98 12.11 19.28
CA GLY B 18 -12.09 12.98 18.15
C GLY B 18 -13.49 13.03 17.58
N ARG B 19 -13.57 13.42 16.30
CA ARG B 19 -14.82 13.58 15.57
C ARG B 19 -14.76 12.69 14.32
N LEU B 20 -15.69 11.75 14.22
CA LEU B 20 -15.69 10.70 13.22
C LEU B 20 -16.85 10.91 12.26
N GLY B 21 -16.58 10.79 10.96
CA GLY B 21 -17.61 10.87 9.94
C GLY B 21 -17.59 9.65 9.04
N VAL B 22 -18.73 9.02 8.83
CA VAL B 22 -18.82 7.78 8.06
C VAL B 22 -20.00 7.90 7.10
N ALA B 23 -19.77 7.45 5.86
CA ALA B 23 -20.87 7.23 4.93
C ALA B 23 -20.60 5.98 4.12
N LEU B 24 -21.52 5.03 4.21
CA LEU B 24 -21.49 3.81 3.42
C LEU B 24 -22.64 3.85 2.42
N ILE B 25 -22.37 3.41 1.19
CA ILE B 25 -23.42 3.06 0.24
C ILE B 25 -23.20 1.60 -0.14
N ASP B 26 -24.22 0.76 0.06
CA ASP B 26 -24.19 -0.60 -0.44
C ASP B 26 -24.88 -0.58 -1.80
N THR B 27 -24.12 -0.78 -2.88
CA THR B 27 -24.75 -0.67 -4.20
C THR B 27 -25.63 -1.87 -4.54
N ALA B 28 -25.62 -2.93 -3.74
CA ALA B 28 -26.53 -4.05 -3.98
C ALA B 28 -27.99 -3.63 -3.80
N ASP B 29 -28.26 -2.73 -2.86
CA ASP B 29 -29.64 -2.37 -2.54
C ASP B 29 -29.81 -0.89 -2.25
N ASN B 30 -28.77 -0.07 -2.45
CA ASN B 30 -28.79 1.37 -2.24
C ASN B 30 -28.95 1.77 -0.77
N THR B 31 -28.80 0.85 0.17
CA THR B 31 -28.88 1.23 1.56
C THR B 31 -27.61 1.99 1.99
N GLN B 32 -27.76 2.73 3.07
CA GLN B 32 -26.71 3.62 3.54
C GLN B 32 -26.57 3.51 5.05
N VAL B 33 -25.36 3.76 5.52
CA VAL B 33 -25.09 3.97 6.94
C VAL B 33 -24.35 5.29 7.04
N LEU B 34 -24.87 6.18 7.88
CA LEU B 34 -24.34 7.52 8.00
C LEU B 34 -24.04 7.82 9.46
N TYR B 35 -22.89 8.42 9.72
CA TYR B 35 -22.56 8.91 11.04
C TYR B 35 -21.88 10.26 10.84
N ARG B 36 -22.52 11.32 11.36
CA ARG B 36 -22.09 12.69 11.04
C ARG B 36 -21.97 12.88 9.52
N GLY B 37 -22.89 12.26 8.79
CA GLY B 37 -22.80 12.20 7.34
C GLY B 37 -22.94 13.53 6.66
N ASP B 38 -23.54 14.52 7.33
CA ASP B 38 -23.73 15.85 6.75
C ASP B 38 -22.84 16.91 7.38
N GLU B 39 -21.89 16.53 8.23
CA GLU B 39 -20.92 17.47 8.75
C GLU B 39 -19.74 17.60 7.80
N ARG B 40 -19.15 18.79 7.75
CA ARG B 40 -17.95 19.00 6.96
C ARG B 40 -16.71 18.51 7.68
N PHE B 41 -15.79 17.93 6.93
CA PHE B 41 -14.49 17.46 7.43
C PHE B 41 -13.42 17.91 6.45
N PRO B 42 -12.23 18.23 6.95
CA PRO B 42 -11.11 18.53 6.05
C PRO B 42 -10.75 17.29 5.24
N MET B 43 -10.65 17.47 3.92
CA MET B 43 -10.42 16.33 3.03
C MET B 43 -8.97 15.88 3.03
N CYS B 44 -8.02 16.81 3.21
CA CYS B 44 -6.61 16.52 3.02
C CYS B 44 -6.41 15.79 1.68
N SER B 45 -5.53 14.78 1.62
CA SER B 45 -5.20 14.19 0.32
C SER B 45 -6.34 13.41 -0.33
N THR B 46 -7.47 13.19 0.35
CA THR B 46 -8.58 12.56 -0.35
C THR B 46 -9.10 13.42 -1.49
N SER B 47 -8.82 14.74 -1.46
CA SER B 47 -9.21 15.61 -2.57
C SER B 47 -8.44 15.31 -3.85
N LYS B 48 -7.33 14.56 -3.78
CA LYS B 48 -6.63 14.17 -5.00
C LYS B 48 -7.51 13.36 -5.94
N VAL B 49 -8.50 12.63 -5.41
CA VAL B 49 -9.41 11.88 -6.28
C VAL B 49 -10.17 12.82 -7.20
N MET B 50 -10.69 13.92 -6.66
CA MET B 50 -11.46 14.86 -7.47
CA MET B 50 -11.46 14.84 -7.48
C MET B 50 -10.59 15.52 -8.52
N ALA B 51 -9.35 15.88 -8.16
CA ALA B 51 -8.47 16.52 -9.12
C ALA B 51 -8.07 15.57 -10.25
N ALA B 52 -7.72 14.33 -9.92
CA ALA B 52 -7.39 13.37 -10.96
C ALA B 52 -8.58 13.10 -11.86
N ALA B 53 -9.77 12.97 -11.26
CA ALA B 53 -10.97 12.74 -12.06
C ALA B 53 -11.27 13.92 -12.99
N ALA B 54 -11.03 15.14 -12.51
CA ALA B 54 -11.28 16.32 -13.33
C ALA B 54 -10.36 16.34 -14.54
N VAL B 55 -9.11 15.95 -14.36
CA VAL B 55 -8.18 15.86 -15.50
C VAL B 55 -8.61 14.73 -16.45
N LEU B 56 -9.05 13.59 -15.90
CA LEU B 56 -9.59 12.54 -16.76
C LEU B 56 -10.75 13.07 -17.60
N LYS B 57 -11.66 13.84 -16.99
CA LYS B 57 -12.76 14.39 -17.76
C LYS B 57 -12.27 15.30 -18.88
N GLN B 58 -11.26 16.14 -18.59
CA GLN B 58 -10.72 16.98 -19.65
C GLN B 58 -10.18 16.14 -20.80
N SER B 59 -9.52 15.02 -20.47
CA SER B 59 -8.93 14.16 -21.50
C SER B 59 -9.96 13.46 -22.38
N GLU B 60 -11.25 13.51 -22.02
CA GLU B 60 -12.28 12.99 -22.91
C GLU B 60 -12.41 13.80 -24.18
N THR B 61 -12.08 15.10 -24.14
CA THR B 61 -12.14 15.95 -25.32
C THR B 61 -10.79 16.46 -25.79
N GLN B 62 -9.82 16.60 -24.89
CA GLN B 62 -8.43 16.87 -25.25
C GLN B 62 -7.74 15.51 -25.27
N LYS B 63 -7.77 14.85 -26.42
CA LYS B 63 -7.58 13.40 -26.46
C LYS B 63 -6.16 12.97 -26.12
N GLN B 64 -5.16 13.83 -26.29
CA GLN B 64 -3.79 13.48 -25.94
C GLN B 64 -3.34 14.10 -24.63
N LEU B 65 -4.27 14.68 -23.86
CA LEU B 65 -3.90 15.46 -22.69
C LEU B 65 -3.08 14.66 -21.68
N LEU B 66 -3.44 13.39 -21.47
CA LEU B 66 -2.76 12.63 -20.42
C LEU B 66 -1.29 12.39 -20.72
N ASN B 67 -0.88 12.50 -21.97
CA ASN B 67 0.51 12.29 -22.32
C ASN B 67 1.29 13.60 -22.47
N GLN B 68 0.67 14.72 -22.14
CA GLN B 68 1.32 16.02 -22.23
C GLN B 68 2.41 16.14 -21.17
N PRO B 69 3.64 16.48 -21.55
CA PRO B 69 4.69 16.66 -20.53
C PRO B 69 4.47 17.95 -19.75
N VAL B 70 4.75 17.88 -18.46
CA VAL B 70 4.65 19.00 -17.54
C VAL B 70 6.00 19.17 -16.86
N GLU B 71 6.51 20.40 -16.88
CA GLU B 71 7.81 20.66 -16.29
CA GLU B 71 7.81 20.69 -16.29
C GLU B 71 7.75 20.60 -14.77
N ILE B 72 8.77 19.97 -14.18
CA ILE B 72 8.93 19.90 -12.72
C ILE B 72 10.19 20.67 -12.40
N LYS B 73 10.03 21.81 -11.71
CA LYS B 73 11.18 22.64 -11.34
C LYS B 73 11.53 22.43 -9.87
N PRO B 74 12.79 22.63 -9.48
CA PRO B 74 13.13 22.53 -8.05
C PRO B 74 12.21 23.34 -7.15
N ALA B 75 11.81 24.53 -7.59
CA ALA B 75 10.97 25.38 -6.76
C ALA B 75 9.56 24.85 -6.60
N ASP B 76 9.15 23.88 -7.43
CA ASP B 76 7.81 23.31 -7.34
C ASP B 76 7.66 22.33 -6.20
N LEU B 77 8.77 21.78 -5.69
CA LEU B 77 8.67 20.76 -4.66
C LEU B 77 8.08 21.35 -3.39
N VAL B 78 7.11 20.66 -2.80
CA VAL B 78 6.52 21.08 -1.55
C VAL B 78 6.93 20.13 -0.43
N ASN B 79 5.99 19.66 0.38
CA ASN B 79 6.35 19.00 1.63
C ASN B 79 6.36 17.48 1.55
N TYR B 80 5.93 16.88 0.44
CA TYR B 80 5.88 15.41 0.34
C TYR B 80 5.82 15.08 -1.15
N ASN B 81 6.96 14.71 -1.73
CA ASN B 81 7.10 14.63 -3.18
C ASN B 81 7.87 13.36 -3.55
N PRO B 82 7.39 12.18 -3.12
CA PRO B 82 8.19 10.96 -3.32
C PRO B 82 8.47 10.63 -4.77
N ILE B 83 7.58 11.01 -5.68
CA ILE B 83 7.78 10.75 -7.10
C ILE B 83 8.35 11.96 -7.82
N ALA B 84 7.77 13.14 -7.59
CA ALA B 84 8.18 14.32 -8.34
C ALA B 84 9.64 14.69 -8.09
N GLU B 85 10.17 14.39 -6.89
CA GLU B 85 11.55 14.76 -6.62
C GLU B 85 12.52 14.05 -7.55
N LYS B 86 12.13 12.88 -8.09
CA LYS B 86 12.99 12.17 -9.03
C LYS B 86 13.02 12.82 -10.40
N HIS B 87 12.07 13.72 -10.69
CA HIS B 87 11.92 14.29 -12.02
C HIS B 87 12.16 15.79 -12.06
N VAL B 88 12.72 16.36 -11.01
N VAL B 88 12.69 16.38 -11.00
CA VAL B 88 13.09 17.78 -10.99
CA VAL B 88 12.99 17.81 -11.04
C VAL B 88 14.03 18.08 -12.15
C VAL B 88 13.99 18.08 -12.16
N ASN B 89 13.89 19.27 -12.74
CA ASN B 89 14.64 19.64 -13.93
C ASN B 89 14.35 18.68 -15.09
N GLY B 90 13.15 18.12 -15.09
CA GLY B 90 12.66 17.24 -16.13
C GLY B 90 11.16 17.41 -16.26
N THR B 91 10.49 16.40 -16.78
CA THR B 91 9.05 16.47 -16.98
C THR B 91 8.40 15.17 -16.50
N MET B 92 7.11 15.28 -16.21
CA MET B 92 6.21 14.15 -16.00
C MET B 92 4.95 14.42 -16.81
N THR B 93 4.32 13.36 -17.31
CA THR B 93 3.07 13.57 -18.02
C THR B 93 1.92 13.72 -17.03
N LEU B 94 0.78 14.23 -17.52
CA LEU B 94 -0.38 14.35 -16.66
C LEU B 94 -0.87 12.99 -16.15
N ALA B 95 -0.76 11.93 -16.97
CA ALA B 95 -1.06 10.59 -16.46
C ALA B 95 -0.11 10.21 -15.34
N GLU B 96 1.19 10.47 -15.53
CA GLU B 96 2.16 10.14 -14.48
C GLU B 96 1.92 10.96 -13.22
N LEU B 97 1.51 12.22 -13.38
CA LEU B 97 1.21 13.06 -12.22
C LEU B 97 -0.05 12.57 -11.50
N SER B 98 -1.05 12.16 -12.27
CA SER B 98 -2.27 11.60 -11.66
C SER B 98 -1.98 10.34 -10.87
N ALA B 99 -1.19 9.42 -11.46
CA ALA B 99 -0.84 8.19 -10.77
C ALA B 99 -0.02 8.48 -9.51
N ALA B 100 0.93 9.41 -9.60
CA ALA B 100 1.74 9.76 -8.44
C ALA B 100 0.88 10.37 -7.33
N ALA B 101 -0.02 11.28 -7.68
CA ALA B 101 -0.90 11.88 -6.69
C ALA B 101 -1.75 10.81 -6.01
N LEU B 102 -2.37 9.92 -6.80
CA LEU B 102 -3.30 8.97 -6.23
C LEU B 102 -2.60 7.86 -5.47
N GLN B 103 -1.55 7.27 -6.06
CA GLN B 103 -1.00 6.05 -5.50
C GLN B 103 0.10 6.28 -4.48
N TYR B 104 0.75 7.44 -4.52
CA TYR B 104 1.80 7.78 -3.58
C TYR B 104 1.50 9.04 -2.78
N SER B 105 0.38 9.72 -3.08
CA SER B 105 0.00 10.95 -2.38
C SER B 105 1.02 12.06 -2.59
N ASP B 106 1.59 12.11 -3.80
CA ASP B 106 2.59 13.14 -4.10
C ASP B 106 1.92 14.50 -4.19
N ASN B 107 2.38 15.44 -3.35
CA ASN B 107 1.74 16.75 -3.25
C ASN B 107 2.17 17.69 -4.37
N THR B 108 3.41 17.56 -4.87
CA THR B 108 3.80 18.31 -6.06
C THR B 108 2.95 17.89 -7.25
N ALA B 109 2.69 16.59 -7.39
CA ALA B 109 1.83 16.11 -8.46
C ALA B 109 0.43 16.71 -8.34
N MET B 110 -0.13 16.72 -7.12
CA MET B 110 -1.44 17.33 -6.92
C MET B 110 -1.43 18.79 -7.37
N ASN B 111 -0.38 19.54 -7.03
CA ASN B 111 -0.34 20.95 -7.43
C ASN B 111 -0.31 21.09 -8.95
N LYS B 112 0.34 20.17 -9.66
CA LYS B 112 0.29 20.22 -11.12
C LYS B 112 -1.11 19.92 -11.65
N LEU B 113 -1.83 18.98 -11.01
CA LEU B 113 -3.21 18.73 -11.43
C LEU B 113 -4.07 19.97 -11.21
N ILE B 114 -3.93 20.60 -10.04
CA ILE B 114 -4.70 21.81 -9.74
C ILE B 114 -4.40 22.90 -10.77
N ALA B 115 -3.12 23.08 -11.10
CA ALA B 115 -2.74 24.11 -12.07
C ALA B 115 -3.32 23.82 -13.44
N GLN B 116 -3.31 22.55 -13.85
CA GLN B 116 -3.90 22.18 -15.13
C GLN B 116 -5.39 22.55 -15.19
N LEU B 117 -6.07 22.49 -14.05
CA LEU B 117 -7.50 22.79 -13.97
C LEU B 117 -7.78 24.26 -13.75
N GLY B 118 -6.76 25.12 -13.71
CA GLY B 118 -6.96 26.53 -13.53
C GLY B 118 -6.99 26.99 -12.09
N GLY B 119 -6.52 26.18 -11.15
CA GLY B 119 -6.52 26.54 -9.76
C GLY B 119 -7.54 25.73 -9.01
N PRO B 120 -7.56 25.87 -7.68
CA PRO B 120 -8.50 25.08 -6.85
C PRO B 120 -9.95 25.21 -7.31
N GLY B 121 -10.37 26.39 -7.76
CA GLY B 121 -11.74 26.56 -8.22
C GLY B 121 -12.08 25.70 -9.41
N GLY B 122 -11.09 25.31 -10.22
CA GLY B 122 -11.35 24.40 -11.32
C GLY B 122 -11.68 22.99 -10.85
N VAL B 123 -11.11 22.57 -9.72
CA VAL B 123 -11.51 21.28 -9.14
C VAL B 123 -12.94 21.36 -8.63
N THR B 124 -13.27 22.45 -7.93
CA THR B 124 -14.63 22.65 -7.46
C THR B 124 -15.62 22.71 -8.62
N ALA B 125 -15.23 23.36 -9.71
CA ALA B 125 -16.13 23.45 -10.86
C ALA B 125 -16.42 22.08 -11.45
N PHE B 126 -15.42 21.19 -11.47
CA PHE B 126 -15.69 19.83 -11.92
C PHE B 126 -16.66 19.12 -10.99
N ALA B 127 -16.47 19.27 -9.67
CA ALA B 127 -17.42 18.71 -8.72
C ALA B 127 -18.84 19.16 -9.02
N ARG B 128 -19.03 20.47 -9.24
CA ARG B 128 -20.36 20.96 -9.56
C ARG B 128 -20.88 20.38 -10.86
N ALA B 129 -20.00 20.20 -11.84
CA ALA B 129 -20.43 19.67 -13.14
C ALA B 129 -20.93 18.24 -13.04
N ILE B 130 -20.46 17.47 -12.06
CA ILE B 130 -20.92 16.10 -11.88
C ILE B 130 -21.97 15.99 -10.77
N GLY B 131 -22.49 17.12 -10.30
CA GLY B 131 -23.62 17.10 -9.39
C GLY B 131 -23.28 17.15 -7.92
N ASP B 132 -22.02 17.38 -7.56
CA ASP B 132 -21.61 17.48 -6.17
C ASP B 132 -21.62 18.96 -5.80
N GLU B 133 -22.60 19.35 -4.99
CA GLU B 133 -22.81 20.74 -4.58
C GLU B 133 -22.13 21.08 -3.26
N THR B 134 -21.40 20.13 -2.69
CA THR B 134 -20.86 20.24 -1.33
C THR B 134 -19.35 20.36 -1.30
N PHE B 135 -18.64 19.55 -2.08
CA PHE B 135 -17.19 19.62 -2.18
C PHE B 135 -16.71 21.04 -2.45
N ARG B 136 -15.64 21.45 -1.79
CA ARG B 136 -14.94 22.66 -2.20
C ARG B 136 -13.44 22.49 -2.01
N LEU B 137 -12.67 22.83 -3.05
CA LEU B 137 -11.23 22.98 -2.93
C LEU B 137 -10.90 24.46 -3.06
N ASP B 138 -10.16 24.96 -2.08
CA ASP B 138 -9.85 26.38 -1.97
C ASP B 138 -8.37 26.69 -2.05
N ARG B 139 -7.51 25.75 -1.66
CA ARG B 139 -6.09 26.01 -1.55
C ARG B 139 -5.31 24.89 -2.25
N THR B 140 -4.04 25.18 -2.49
CA THR B 140 -3.10 24.20 -3.02
C THR B 140 -2.44 23.43 -1.86
N GLU B 141 -1.56 22.48 -2.23
CA GLU B 141 -0.70 21.86 -1.24
C GLU B 141 0.46 22.80 -0.90
N PRO B 142 0.86 22.90 0.36
CA PRO B 142 0.39 22.13 1.51
C PRO B 142 -0.71 22.79 2.35
N THR B 143 -1.10 24.03 2.06
CA THR B 143 -1.99 24.71 3.00
C THR B 143 -3.40 24.15 3.03
N LEU B 144 -3.81 23.33 2.06
CA LEU B 144 -5.14 22.74 2.13
C LEU B 144 -5.29 21.78 3.31
N ASN B 145 -4.22 21.48 4.03
CA ASN B 145 -4.25 20.50 5.11
C ASN B 145 -4.35 21.11 6.50
N THR B 146 -4.63 22.41 6.62
CA THR B 146 -4.59 23.03 7.95
C THR B 146 -5.68 22.50 8.87
N ALA B 147 -6.82 22.08 8.32
CA ALA B 147 -7.83 21.33 9.07
C ALA B 147 -8.33 22.09 10.30
N ILE B 148 -8.47 23.39 10.17
CA ILE B 148 -8.86 24.22 11.33
C ILE B 148 -10.33 23.97 11.66
N PRO B 149 -10.67 23.67 12.91
CA PRO B 149 -12.07 23.43 13.26
C PRO B 149 -12.96 24.62 12.87
N GLY B 150 -14.08 24.33 12.23
CA GLY B 150 -15.01 25.35 11.78
C GLY B 150 -14.71 25.95 10.42
N ASP B 151 -13.52 25.71 9.87
CA ASP B 151 -13.13 26.32 8.61
C ASP B 151 -13.72 25.50 7.46
N PRO B 152 -14.54 26.10 6.59
CA PRO B 152 -15.14 25.32 5.50
C PRO B 152 -14.20 25.07 4.34
N ARG B 153 -13.05 25.72 4.29
CA ARG B 153 -12.16 25.56 3.14
C ARG B 153 -11.69 24.12 3.03
N ASP B 154 -11.69 23.60 1.80
CA ASP B 154 -11.07 22.30 1.53
C ASP B 154 -11.77 21.18 2.31
N THR B 155 -13.08 21.26 2.39
CA THR B 155 -13.89 20.27 3.10
C THR B 155 -14.96 19.70 2.18
N THR B 156 -15.48 18.55 2.62
CA THR B 156 -16.74 18.04 2.11
C THR B 156 -17.42 17.27 3.22
N THR B 157 -18.59 16.69 2.91
CA THR B 157 -19.28 15.85 3.89
C THR B 157 -19.14 14.39 3.50
N PRO B 158 -19.21 13.47 4.47
CA PRO B 158 -19.12 12.05 4.11
C PRO B 158 -20.20 11.63 3.12
N ARG B 159 -21.44 12.09 3.31
CA ARG B 159 -22.52 11.72 2.40
C ARG B 159 -22.20 12.17 0.98
N ALA B 160 -21.75 13.42 0.82
CA ALA B 160 -21.46 13.92 -0.51
C ALA B 160 -20.31 13.18 -1.15
N MET B 161 -19.24 12.90 -0.39
CA MET B 161 -18.10 12.25 -0.99
C MET B 161 -18.38 10.81 -1.36
N ALA B 162 -19.19 10.11 -0.56
CA ALA B 162 -19.54 8.73 -0.92
C ALA B 162 -20.36 8.70 -2.19
N GLN B 163 -21.34 9.60 -2.32
CA GLN B 163 -22.14 9.65 -3.53
C GLN B 163 -21.28 9.98 -4.75
N THR B 164 -20.39 10.96 -4.61
CA THR B 164 -19.53 11.31 -5.74
C THR B 164 -18.55 10.20 -6.09
N LEU B 165 -17.95 9.55 -5.08
CA LEU B 165 -17.03 8.46 -5.38
C LEU B 165 -17.76 7.33 -6.09
N ARG B 166 -19.01 7.05 -5.70
CA ARG B 166 -19.80 6.07 -6.42
C ARG B 166 -19.99 6.47 -7.88
N GLN B 167 -20.41 7.70 -8.13
CA GLN B 167 -20.64 8.13 -9.50
C GLN B 167 -19.37 8.09 -10.33
N LEU B 168 -18.23 8.42 -9.72
CA LEU B 168 -16.96 8.46 -10.43
C LEU B 168 -16.46 7.07 -10.79
N THR B 169 -16.60 6.10 -9.88
CA THR B 169 -15.96 4.79 -10.05
C THR B 169 -16.91 3.72 -10.56
N LEU B 170 -18.22 3.88 -10.32
CA LEU B 170 -19.21 2.88 -10.72
C LEU B 170 -20.29 3.43 -11.62
N GLY B 171 -20.49 4.74 -11.64
CA GLY B 171 -21.48 5.39 -12.47
C GLY B 171 -20.86 6.04 -13.69
N HIS B 172 -21.44 7.17 -14.11
CA HIS B 172 -21.18 7.75 -15.43
C HIS B 172 -20.74 9.20 -15.37
N ALA B 173 -20.12 9.60 -14.26
CA ALA B 173 -19.51 10.92 -14.21
C ALA B 173 -18.38 11.04 -15.21
N LEU B 174 -17.68 9.94 -15.47
CA LEU B 174 -16.61 9.88 -16.46
C LEU B 174 -17.00 8.94 -17.59
N GLY B 175 -16.33 9.09 -18.73
CA GLY B 175 -16.47 8.10 -19.79
C GLY B 175 -15.91 6.76 -19.36
N GLU B 176 -16.28 5.71 -20.10
CA GLU B 176 -15.98 4.36 -19.65
C GLU B 176 -14.49 4.12 -19.46
N THR B 177 -13.66 4.52 -20.43
CA THR B 177 -12.22 4.30 -20.32
C THR B 177 -11.65 5.09 -19.14
N GLN B 178 -12.15 6.30 -18.93
CA GLN B 178 -11.65 7.15 -17.84
C GLN B 178 -12.07 6.59 -16.49
N ARG B 179 -13.31 6.12 -16.37
N ARG B 179 -13.31 6.12 -16.37
CA ARG B 179 -13.75 5.46 -15.14
CA ARG B 179 -13.75 5.46 -15.14
C ARG B 179 -12.85 4.26 -14.83
C ARG B 179 -12.85 4.26 -14.83
N ALA B 180 -12.59 3.43 -15.83
CA ALA B 180 -11.72 2.27 -15.63
C ALA B 180 -10.32 2.70 -15.21
N GLN B 181 -9.81 3.79 -15.77
CA GLN B 181 -8.47 4.27 -15.40
C GLN B 181 -8.45 4.73 -13.95
N LEU B 182 -9.50 5.44 -13.52
CA LEU B 182 -9.56 5.89 -12.13
C LEU B 182 -9.59 4.69 -11.19
N VAL B 183 -10.39 3.67 -11.52
CA VAL B 183 -10.49 2.48 -10.68
C VAL B 183 -9.14 1.76 -10.62
N THR B 184 -8.47 1.61 -11.76
CA THR B 184 -7.15 1.01 -11.79
C THR B 184 -6.18 1.76 -10.88
N TRP B 185 -6.20 3.08 -10.93
CA TRP B 185 -5.30 3.85 -10.07
C TRP B 185 -5.61 3.62 -8.60
N LEU B 186 -6.90 3.71 -8.23
CA LEU B 186 -7.28 3.53 -6.83
C LEU B 186 -6.91 2.14 -6.33
N LYS B 187 -7.10 1.12 -7.17
CA LYS B 187 -6.80 -0.25 -6.76
C LYS B 187 -5.30 -0.46 -6.55
N GLY B 188 -4.47 0.34 -7.20
CA GLY B 188 -3.02 0.27 -7.03
C GLY B 188 -2.46 1.20 -5.97
N ASN B 189 -3.31 1.81 -5.15
CA ASN B 189 -2.81 2.67 -4.09
C ASN B 189 -1.81 1.93 -3.20
N THR B 190 -0.75 2.64 -2.80
CA THR B 190 0.26 2.05 -1.92
C THR B 190 0.06 2.38 -0.45
N THR B 191 -0.80 3.33 -0.10
CA THR B 191 -0.83 3.91 1.24
C THR B 191 -1.97 3.41 2.12
N GLY B 192 -2.75 2.43 1.67
CA GLY B 192 -4.04 2.17 2.29
C GLY B 192 -4.16 0.98 3.23
N ALA B 193 -3.12 0.17 3.43
CA ALA B 193 -3.31 -1.09 4.13
C ALA B 193 -3.68 -0.95 5.60
N ALA B 194 -3.39 0.20 6.23
CA ALA B 194 -3.68 0.39 7.64
C ALA B 194 -5.02 1.06 7.90
N SER B 195 -5.76 1.44 6.86
CA SER B 195 -6.93 2.29 6.98
C SER B 195 -8.20 1.42 6.75
N ILE B 196 -9.11 1.80 5.87
CA ILE B 196 -10.36 1.05 5.71
C ILE B 196 -10.07 -0.42 5.46
N ARG B 197 -9.09 -0.71 4.59
CA ARG B 197 -8.71 -2.07 4.21
C ARG B 197 -8.47 -2.95 5.42
N ALA B 198 -7.87 -2.40 6.47
CA ALA B 198 -7.48 -3.21 7.61
C ALA B 198 -8.68 -3.70 8.41
N GLY B 199 -9.84 -3.07 8.23
CA GLY B 199 -11.04 -3.52 8.91
C GLY B 199 -11.93 -4.47 8.12
N LEU B 200 -11.53 -4.86 6.92
CA LEU B 200 -12.37 -5.66 6.03
C LEU B 200 -11.73 -7.01 5.78
N PRO B 201 -12.52 -8.02 5.40
CA PRO B 201 -11.94 -9.32 5.03
C PRO B 201 -10.88 -9.15 3.95
N THR B 202 -9.79 -9.92 4.10
CA THR B 202 -8.64 -9.78 3.20
C THR B 202 -8.98 -10.17 1.76
N SER B 203 -9.93 -11.09 1.59
CA SER B 203 -10.27 -11.55 0.25
C SER B 203 -10.97 -10.46 -0.58
N TRP B 204 -11.52 -9.44 0.07
CA TRP B 204 -12.19 -8.39 -0.68
C TRP B 204 -11.15 -7.53 -1.40
N THR B 205 -11.58 -6.91 -2.49
CA THR B 205 -10.70 -6.03 -3.27
C THR B 205 -11.08 -4.58 -2.95
N VAL B 206 -10.08 -3.75 -2.66
CA VAL B 206 -10.31 -2.37 -2.27
C VAL B 206 -9.49 -1.45 -3.17
N GLY B 207 -10.09 -0.35 -3.58
CA GLY B 207 -9.36 0.80 -4.11
C GLY B 207 -9.67 1.99 -3.23
N ASP B 208 -8.64 2.75 -2.86
CA ASP B 208 -8.88 3.80 -1.87
C ASP B 208 -7.88 4.93 -2.07
N LYS B 209 -8.20 6.06 -1.44
CA LYS B 209 -7.26 7.17 -1.28
C LYS B 209 -7.32 7.66 0.16
N THR B 210 -6.17 7.68 0.81
CA THR B 210 -6.01 8.13 2.18
C THR B 210 -5.81 9.64 2.24
N GLY B 211 -5.94 10.19 3.45
CA GLY B 211 -5.58 11.58 3.69
C GLY B 211 -5.10 11.76 5.11
N SER B 212 -4.15 12.69 5.30
CA SER B 212 -3.58 13.02 6.60
C SER B 212 -3.31 14.51 6.66
N GLY B 213 -3.53 15.11 7.83
CA GLY B 213 -3.29 16.53 7.96
C GLY B 213 -3.16 16.95 9.41
N ASP B 214 -3.19 18.25 9.63
CA ASP B 214 -3.13 18.79 10.97
C ASP B 214 -4.38 18.38 11.75
N TYR B 215 -4.38 18.68 13.04
CA TYR B 215 -5.44 18.22 13.95
C TYR B 215 -5.61 16.70 13.91
N GLY B 216 -4.51 16.00 13.66
CA GLY B 216 -4.54 14.55 13.58
C GLY B 216 -5.55 14.03 12.59
N THR B 217 -5.82 14.81 11.54
CA THR B 217 -6.84 14.42 10.58
C THR B 217 -6.38 13.17 9.82
N THR B 218 -7.24 12.16 9.79
CA THR B 218 -6.90 10.86 9.23
C THR B 218 -8.13 10.38 8.48
N ASN B 219 -8.01 10.23 7.16
CA ASN B 219 -9.16 9.98 6.30
C ASN B 219 -8.87 8.83 5.34
N ASP B 220 -9.96 8.25 4.82
CA ASP B 220 -9.84 7.26 3.76
C ASP B 220 -11.16 7.23 3.01
N ILE B 221 -11.09 7.17 1.69
CA ILE B 221 -12.29 6.99 0.87
C ILE B 221 -12.05 5.80 -0.04
N ALA B 222 -13.01 4.88 -0.11
CA ALA B 222 -12.77 3.58 -0.72
C ALA B 222 -13.96 3.08 -1.50
N VAL B 223 -13.67 2.34 -2.57
CA VAL B 223 -14.63 1.46 -3.22
C VAL B 223 -14.19 0.03 -2.94
N ILE B 224 -15.15 -0.80 -2.57
CA ILE B 224 -14.89 -2.13 -2.02
C ILE B 224 -15.67 -3.13 -2.85
N TRP B 225 -14.98 -4.16 -3.34
CA TRP B 225 -15.61 -5.26 -4.07
C TRP B 225 -15.54 -6.50 -3.18
N PRO B 226 -16.56 -6.78 -2.39
CA PRO B 226 -16.55 -8.00 -1.59
C PRO B 226 -16.71 -9.21 -2.49
N GLN B 227 -16.32 -10.36 -1.98
CA GLN B 227 -16.52 -11.59 -2.73
C GLN B 227 -18.00 -11.91 -2.83
N GLY B 228 -18.49 -12.10 -4.05
CA GLY B 228 -19.83 -12.61 -4.26
C GLY B 228 -20.97 -11.64 -4.09
N ARG B 229 -20.70 -10.33 -4.10
CA ARG B 229 -21.78 -9.37 -3.96
C ARG B 229 -21.35 -8.04 -4.56
N ALA B 230 -22.33 -7.16 -4.70
CA ALA B 230 -22.13 -5.88 -5.36
C ALA B 230 -21.21 -4.99 -4.53
N PRO B 231 -20.54 -4.03 -5.16
CA PRO B 231 -19.56 -3.22 -4.43
C PRO B 231 -20.20 -2.30 -3.40
N LEU B 232 -19.36 -1.87 -2.48
CA LEU B 232 -19.69 -0.86 -1.48
C LEU B 232 -18.82 0.36 -1.71
N VAL B 233 -19.33 1.51 -1.29
CA VAL B 233 -18.54 2.73 -1.23
C VAL B 233 -18.52 3.17 0.21
N LEU B 234 -17.32 3.44 0.74
CA LEU B 234 -17.19 3.77 2.15
C LEU B 234 -16.24 4.95 2.31
N VAL B 235 -16.71 5.98 3.01
N VAL B 235 -16.68 5.99 2.99
CA VAL B 235 -15.90 7.15 3.38
CA VAL B 235 -15.82 7.10 3.35
C VAL B 235 -15.76 7.15 4.90
C VAL B 235 -15.75 7.20 4.86
N THR B 236 -14.54 7.32 5.38
CA THR B 236 -14.28 7.46 6.82
C THR B 236 -13.38 8.67 7.01
N TYR B 237 -13.90 9.69 7.68
CA TYR B 237 -13.15 10.90 7.98
C TYR B 237 -12.99 11.00 9.50
N PHE B 238 -11.84 11.49 9.94
CA PHE B 238 -11.59 11.59 11.38
C PHE B 238 -10.70 12.80 11.64
N THR B 239 -11.06 13.60 12.64
CA THR B 239 -10.23 14.74 13.01
C THR B 239 -10.33 14.93 14.53
N GLN B 240 -9.36 15.65 15.09
CA GLN B 240 -9.13 15.63 16.52
C GLN B 240 -9.01 17.04 17.08
N PRO B 241 -9.12 17.21 18.40
CA PRO B 241 -9.16 18.56 18.96
C PRO B 241 -7.81 19.27 18.99
N GLN B 242 -6.71 18.54 19.08
CA GLN B 242 -5.39 19.14 19.25
C GLN B 242 -4.72 19.29 17.89
N GLN B 243 -4.17 20.48 17.62
CA GLN B 243 -3.54 20.75 16.33
C GLN B 243 -2.43 19.74 16.02
N ASN B 244 -1.70 19.30 17.03
CA ASN B 244 -0.57 18.39 16.86
C ASN B 244 -0.92 16.93 17.13
N ALA B 245 -2.21 16.59 17.09
CA ALA B 245 -2.63 15.23 17.41
C ALA B 245 -1.98 14.21 16.48
N GLU B 246 -1.79 13.00 17.00
CA GLU B 246 -1.17 11.92 16.25
C GLU B 246 -2.15 11.33 15.24
N SER B 247 -1.59 10.69 14.22
CA SER B 247 -2.40 10.00 13.22
C SER B 247 -3.09 8.80 13.85
N ARG B 248 -4.32 8.52 13.40
CA ARG B 248 -5.14 7.45 13.98
C ARG B 248 -5.79 6.60 12.88
N ARG B 249 -4.97 5.97 12.04
CA ARG B 249 -5.52 5.11 11.00
C ARG B 249 -6.30 3.94 11.58
N ASP B 250 -5.94 3.50 12.79
CA ASP B 250 -6.67 2.42 13.45
C ASP B 250 -8.15 2.76 13.66
N VAL B 251 -8.47 4.04 13.83
CA VAL B 251 -9.87 4.43 14.01
C VAL B 251 -10.66 4.19 12.73
N LEU B 252 -10.05 4.46 11.58
CA LEU B 252 -10.70 4.17 10.30
C LEU B 252 -10.88 2.66 10.11
N ALA B 253 -9.84 1.89 10.43
CA ALA B 253 -9.97 0.43 10.36
C ALA B 253 -11.09 -0.05 11.28
N SER B 254 -11.16 0.48 12.50
CA SER B 254 -12.22 0.09 13.43
C SER B 254 -13.60 0.44 12.90
N ALA B 255 -13.74 1.63 12.29
CA ALA B 255 -15.02 2.02 11.71
C ALA B 255 -15.42 1.07 10.58
N ALA B 256 -14.46 0.72 9.72
CA ALA B 256 -14.75 -0.21 8.64
C ALA B 256 -15.15 -1.57 9.18
N ARG B 257 -14.50 -2.02 10.26
CA ARG B 257 -14.81 -3.30 10.85
C ARG B 257 -16.24 -3.33 11.39
N ILE B 258 -16.67 -2.23 12.03
CA ILE B 258 -18.05 -2.13 12.49
C ILE B 258 -19.01 -2.22 11.31
N ILE B 259 -18.69 -1.51 10.23
CA ILE B 259 -19.54 -1.51 9.04
C ILE B 259 -19.62 -2.92 8.46
N ALA B 260 -18.48 -3.60 8.37
CA ALA B 260 -18.44 -4.94 7.79
C ALA B 260 -19.26 -5.92 8.61
N GLU B 261 -19.19 -5.80 9.94
CA GLU B 261 -19.93 -6.71 10.81
C GLU B 261 -21.44 -6.49 10.69
N GLY B 262 -21.86 -5.28 10.33
CA GLY B 262 -23.26 -4.96 10.18
C GLY B 262 -23.87 -5.29 8.84
N LEU B 263 -23.09 -5.84 7.91
CA LEU B 263 -23.62 -6.25 6.61
C LEU B 263 -24.30 -7.62 6.72
O20 1CE C . 7.30 -14.03 36.23
C12 1CE C . 7.16 -13.20 35.30
N7 1CE C . 8.23 -12.43 34.87
C6 1CE C . 9.55 -12.58 35.51
C3 1CE C . 10.24 -13.84 35.05
N2 1CE C . 11.26 -14.40 35.70
N4 1CE C . 9.94 -14.53 33.96
N5 1CE C . 10.80 -15.57 33.92
N1 1CE C . 11.60 -15.48 34.98
C11 1CE C . 5.91 -12.99 34.66
C13 1CE C . 4.65 -13.62 34.88
C16 1CE C . 4.26 -14.71 35.89
C17 1CE C . 2.99 -15.43 35.54
C18 1CE C . 1.86 -14.51 35.12
C19 1CE C . 2.21 -13.58 34.00
C14 1CE C . 3.62 -13.08 33.97
S15 1CE C . 4.41 -11.89 33.00
C10 1CE C . 5.87 -11.99 33.60
N9 1CE C . 6.97 -11.30 33.27
C8 1CE C . 8.10 -11.52 33.87
O20 1CE D . -5.48 -19.38 3.45
C12 1CE D . -5.75 -18.99 4.58
N7 1CE D . -5.53 -19.84 5.67
C6 1CE D . -4.96 -21.18 5.42
C3 1CE D . -5.99 -22.30 5.40
N2 1CE D . -6.76 -22.65 6.43
N4 1CE D . -6.25 -23.08 4.35
N5 1CE D . -7.21 -23.95 4.74
N1 1CE D . -7.53 -23.68 5.99
C11 1CE D . -6.30 -17.72 4.84
C13 1CE D . -6.63 -16.67 3.93
C16 1CE D . -6.48 -16.60 2.39
C17 1CE D . -7.23 -15.48 1.75
C18 1CE D . -7.08 -14.17 2.50
C19 1CE D . -7.60 -14.26 3.91
C14 1CE D . -7.18 -15.50 4.64
S15 1CE D . -7.18 -15.94 6.31
C10 1CE D . -6.59 -17.40 6.23
N9 1CE D . -6.33 -18.28 7.20
C8 1CE D . -5.82 -19.45 6.93
O20 1CE E . -3.14 -11.15 4.00
C12 1CE E . -2.97 -12.37 3.84
N7 1CE E . -2.45 -12.80 2.65
C6 1CE E . -2.12 -11.78 1.63
C3 1CE E . -0.70 -11.31 1.97
N2 1CE E . -0.28 -10.05 1.92
N4 1CE E . 0.30 -12.11 2.36
N5 1CE E . 1.39 -11.32 2.55
N1 1CE E . 1.02 -10.08 2.27
C11 1CE E . -3.27 -13.36 4.80
C13 1CE E . -3.81 -13.21 6.11
C16 1CE E . -4.23 -11.93 6.86
C17 1CE E . -4.32 -12.09 8.34
C18 1CE E . -5.01 -13.37 8.80
C19 1CE E . -4.50 -14.63 8.17
C14 1CE E . -3.95 -14.50 6.78
S15 1CE E . -3.36 -15.68 5.67
C10 1CE E . -2.98 -14.74 4.46
N9 1CE E . -2.47 -15.04 3.26
C8 1CE E . -2.21 -14.11 2.38
O20 1CE F . -10.76 -15.93 4.17
C12 1CE F . -10.52 -16.63 5.18
N7 1CE F . -10.76 -16.11 6.44
C6 1CE F . -11.32 -14.75 6.57
C3 1CE F . -10.26 -13.66 6.73
N2 1CE F . -9.24 -13.70 7.58
N4 1CE F . -10.23 -12.52 6.03
N5 1CE F . -9.14 -11.83 6.46
N1 1CE F . -8.55 -12.55 7.40
C11 1CE F . -9.99 -17.93 5.07
C13 1CE F . -9.66 -18.68 3.91
C16 1CE F . -9.75 -18.33 2.41
C17 1CE F . -8.98 -19.24 1.50
C18 1CE F . -9.16 -20.71 1.86
C19 1CE F . -8.71 -21.02 3.24
C14 1CE F . -9.15 -20.02 4.28
S15 1CE F . -9.19 -20.05 6.00
C10 1CE F . -9.77 -18.63 6.33
N9 1CE F . -10.03 -18.05 7.51
C8 1CE F . -10.51 -16.84 7.55
O20 1CE G . 1.20 10.55 5.51
C12 1CE G . 1.14 11.78 5.33
N7 1CE G . 1.07 12.26 4.05
C6 1CE G . 1.06 11.28 2.94
C3 1CE G . -0.40 10.85 2.77
N2 1CE G . -1.46 11.66 2.88
N4 1CE G . -0.78 9.62 2.48
N5 1CE G . -2.13 9.66 2.41
N1 1CE G . -2.54 10.89 2.65
C11 1CE G . 1.13 12.72 6.39
C13 1CE G . 1.18 12.51 7.79
C16 1CE G . 1.29 11.19 8.57
C17 1CE G . 1.13 11.29 10.07
C18 1CE G . 1.68 12.57 10.67
C19 1CE G . 1.20 13.83 10.01
C14 1CE G . 1.14 13.78 8.52
S15 1CE G . 1.03 15.01 7.31
C10 1CE G . 1.03 14.12 5.99
N9 1CE G . 0.96 14.49 4.71
C8 1CE G . 0.98 13.58 3.77
O20 1CE H . -13.35 -17.53 2.67
C12 1CE H . -13.44 -18.06 3.79
N7 1CE H . -13.16 -19.41 3.95
C6 1CE H . -12.74 -20.19 2.77
C3 1CE H . -12.90 -21.70 2.94
N2 1CE H . -14.04 -22.33 3.22
N4 1CE H . -11.90 -22.58 2.83
N5 1CE H . -12.42 -23.80 3.05
N1 1CE H . -13.72 -23.65 3.30
C11 1CE H . -13.84 -17.33 4.92
C13 1CE H . -14.19 -15.95 5.04
C16 1CE H . -14.24 -14.82 3.98
C17 1CE H . -14.95 -13.59 4.43
C18 1CE H . -14.59 -13.18 5.85
C19 1CE H . -14.95 -14.24 6.85
C14 1CE H . -14.54 -15.63 6.44
S15 1CE H . -14.37 -17.11 7.31
C10 1CE H . -13.91 -18.08 6.16
N9 1CE H . -13.61 -19.39 6.23
C8 1CE H . -13.25 -20.02 5.15
#